data_1SYX
#
_entry.id   1SYX
#
_cell.length_a   135.726
_cell.length_b   75.913
_cell.length_c   77.027
_cell.angle_alpha   90.00
_cell.angle_beta   94.27
_cell.angle_gamma   90.00
#
_symmetry.space_group_name_H-M   'C 1 2 1'
#
loop_
_entity.id
_entity.type
_entity.pdbx_description
1 polymer 'Spliceosomal U5 snRNP-specific 15 kDa protein'
2 polymer 'CD2 antigen cytoplasmic tail-binding protein 2'
3 water water
#
loop_
_entity_poly.entity_id
_entity_poly.type
_entity_poly.pdbx_seq_one_letter_code
_entity_poly.pdbx_strand_id
1 'polypeptide(L)'
;MSYMLPHLHNGWQVDQAILSEEDRVVVIRFGHDWDPTCMKMDEVLYSIAEKVKNFAVIYLVDITEVPDFNKMYELYDPCT
VMFFFRNKHIMIDLGTGNNNKINWAMEDKQEMVDIIETVYRGARKGRGLVVSPKDYSTKYRY
;
A,C,E
2 'polypeptide(L)'
;AEEELETPTPTQRGEAESRGDGLVDVMWEYKWENTGDAELYGPFTSAQMQTWVSEGYFPDGVYCRKLDPPGGQFYNSKRI
DFDLYT
;
B,D,F
#
# COMPACT_ATOMS: atom_id res chain seq x y z
N TYR A 3 -12.21 18.44 38.07
CA TYR A 3 -12.08 17.07 38.67
C TYR A 3 -11.13 17.08 39.87
N MET A 4 -11.33 18.01 40.78
CA MET A 4 -10.48 18.19 41.97
C MET A 4 -10.49 17.00 42.94
N LEU A 5 -9.41 16.85 43.72
CA LEU A 5 -9.35 15.91 44.83
C LEU A 5 -10.35 16.30 45.92
N PRO A 6 -10.96 15.30 46.56
CA PRO A 6 -11.88 15.58 47.68
C PRO A 6 -11.17 16.12 48.92
N HIS A 7 -11.86 17.01 49.62
CA HIS A 7 -11.34 17.60 50.86
C HIS A 7 -12.26 17.23 52.00
N LEU A 8 -11.69 17.20 53.21
CA LEU A 8 -12.47 16.93 54.42
C LEU A 8 -12.29 18.12 55.34
N HIS A 9 -13.37 18.56 55.97
CA HIS A 9 -13.41 19.88 56.58
C HIS A 9 -13.54 19.91 58.10
N ASN A 10 -13.61 18.74 58.72
CA ASN A 10 -13.55 18.65 60.17
C ASN A 10 -13.11 17.26 60.60
N GLY A 11 -12.77 17.11 61.88
CA GLY A 11 -12.33 15.85 62.45
C GLY A 11 -13.34 14.73 62.26
N TRP A 12 -14.61 15.06 62.42
CA TRP A 12 -15.72 14.10 62.25
C TRP A 12 -15.71 13.49 60.85
N GLN A 13 -15.54 14.34 59.83
CA GLN A 13 -15.50 13.89 58.44
C GLN A 13 -14.28 13.02 58.16
N VAL A 14 -13.13 13.39 58.72
CA VAL A 14 -11.91 12.59 58.61
C VAL A 14 -12.13 11.23 59.29
N ASP A 15 -12.74 11.24 60.48
CA ASP A 15 -13.05 9.98 61.16
C ASP A 15 -13.91 9.09 60.27
N GLN A 16 -14.98 9.65 59.69
CA GLN A 16 -15.90 8.87 58.89
C GLN A 16 -15.19 8.27 57.67
N ALA A 17 -14.35 9.08 57.02
CA ALA A 17 -13.62 8.66 55.84
C ALA A 17 -12.63 7.55 56.12
N ILE A 18 -11.87 7.66 57.21
CA ILE A 18 -10.95 6.59 57.59
C ILE A 18 -11.74 5.31 57.89
N LEU A 19 -12.88 5.48 58.54
CA LEU A 19 -13.76 4.38 58.96
C LEU A 19 -14.49 3.69 57.82
N SER A 20 -14.60 4.35 56.67
CA SER A 20 -15.57 3.93 55.65
C SER A 20 -15.04 3.04 54.53
N GLU A 21 -13.74 2.73 54.54
CA GLU A 21 -13.16 1.93 53.46
C GLU A 21 -12.73 0.56 53.95
N GLU A 22 -13.44 -0.48 53.52
CA GLU A 22 -13.07 -1.85 53.86
C GLU A 22 -11.99 -2.39 52.93
N ASP A 23 -11.92 -1.87 51.71
CA ASP A 23 -11.05 -2.46 50.70
C ASP A 23 -10.20 -1.45 49.92
N ARG A 24 -9.96 -0.29 50.52
CA ARG A 24 -9.10 0.71 49.88
C ARG A 24 -8.24 1.37 50.93
N VAL A 25 -6.99 1.64 50.58
CA VAL A 25 -6.13 2.48 51.43
C VAL A 25 -6.72 3.87 51.47
N VAL A 26 -6.83 4.46 52.67
CA VAL A 26 -7.20 5.85 52.81
C VAL A 26 -5.92 6.65 52.89
N VAL A 27 -5.69 7.45 51.85
CA VAL A 27 -4.51 8.30 51.78
C VAL A 27 -4.90 9.72 52.19
N ILE A 28 -4.23 10.25 53.19
CA ILE A 28 -4.57 11.58 53.67
C ILE A 28 -3.38 12.48 53.58
N ARG A 29 -3.58 13.63 52.94
CA ARG A 29 -2.56 14.67 52.90
C ARG A 29 -2.95 15.76 53.91
N PHE A 30 -2.15 15.88 54.96
CA PHE A 30 -2.32 16.91 55.98
C PHE A 30 -1.40 18.08 55.66
N GLY A 31 -1.96 19.27 55.56
CA GLY A 31 -1.18 20.45 55.27
C GLY A 31 -2.08 21.61 54.96
N HIS A 32 -1.79 22.31 53.87
CA HIS A 32 -2.59 23.44 53.43
C HIS A 32 -2.39 23.57 51.92
N ASP A 33 -3.46 23.88 51.18
CA ASP A 33 -3.39 24.08 49.73
C ASP A 33 -2.38 25.17 49.32
N TRP A 34 -2.26 26.21 50.15
CA TRP A 34 -1.38 27.33 49.85
C TRP A 34 0.10 26.99 49.94
N ASP A 35 0.42 25.87 50.61
CA ASP A 35 1.81 25.53 50.88
C ASP A 35 2.52 24.92 49.66
N PRO A 36 3.71 25.42 49.33
CA PRO A 36 4.46 24.98 48.14
C PRO A 36 4.75 23.48 48.10
N THR A 37 5.13 22.90 49.24
CA THR A 37 5.37 21.47 49.32
C THR A 37 4.07 20.72 49.04
N CYS A 38 2.99 21.18 49.66
CA CYS A 38 1.67 20.63 49.43
C CYS A 38 1.22 20.76 47.98
N MET A 39 1.57 21.88 47.35
CA MET A 39 1.25 22.10 45.94
C MET A 39 1.86 21.02 45.04
N LYS A 40 3.14 20.68 45.28
CA LYS A 40 3.85 19.65 44.52
C LYS A 40 3.33 18.24 44.81
N MET A 41 3.02 17.98 46.08
CA MET A 41 2.47 16.69 46.49
C MET A 41 1.04 16.51 45.95
N ASP A 42 0.25 17.57 46.01
CA ASP A 42 -1.13 17.55 45.52
C ASP A 42 -1.21 17.25 44.01
N GLU A 43 -0.27 17.80 43.24
CA GLU A 43 -0.18 17.57 41.81
C GLU A 43 0.13 16.10 41.47
N VAL A 44 0.90 15.45 42.33
CA VAL A 44 1.20 14.02 42.19
C VAL A 44 -0.07 13.23 42.48
N LEU A 45 -0.65 13.49 43.64
CA LEU A 45 -1.85 12.79 44.08
C LEU A 45 -2.98 12.97 43.08
N TYR A 46 -3.20 14.20 42.63
CA TYR A 46 -4.21 14.47 41.62
C TYR A 46 -3.97 13.63 40.35
N SER A 47 -2.73 13.59 39.90
CA SER A 47 -2.42 12.88 38.67
C SER A 47 -2.41 11.33 38.77
N ILE A 48 -2.37 10.79 39.99
CA ILE A 48 -2.42 9.33 40.17
C ILE A 48 -3.75 8.81 40.76
N ALA A 49 -4.62 9.73 41.15
CA ALA A 49 -5.88 9.39 41.82
C ALA A 49 -6.74 8.39 41.04
N GLU A 50 -6.88 8.64 39.75
CA GLU A 50 -7.63 7.77 38.86
C GLU A 50 -7.00 6.40 38.70
N LYS A 51 -5.68 6.37 38.63
CA LYS A 51 -4.91 5.12 38.48
C LYS A 51 -5.12 4.18 39.67
N VAL A 52 -5.01 4.73 40.88
CA VAL A 52 -5.07 3.92 42.11
C VAL A 52 -6.47 3.77 42.70
N LYS A 53 -7.48 4.28 42.00
CA LYS A 53 -8.82 4.48 42.59
C LYS A 53 -9.52 3.19 43.04
N ASN A 54 -9.06 2.06 42.52
CA ASN A 54 -9.62 0.75 42.86
C ASN A 54 -9.21 0.27 44.25
N PHE A 55 -8.04 0.71 44.70
CA PHE A 55 -7.45 0.28 45.98
C PHE A 55 -6.97 1.43 46.87
N ALA A 56 -7.26 2.66 46.46
CA ALA A 56 -6.90 3.82 47.27
C ALA A 56 -7.79 5.00 46.98
N VAL A 57 -8.17 5.70 48.05
CA VAL A 57 -8.87 6.96 47.97
C VAL A 57 -7.98 7.98 48.64
N ILE A 58 -7.93 9.18 48.06
CA ILE A 58 -7.07 10.24 48.57
C ILE A 58 -7.94 11.41 49.05
N TYR A 59 -7.64 11.90 50.25
CA TYR A 59 -8.30 13.08 50.78
C TYR A 59 -7.31 14.17 51.19
N LEU A 60 -7.69 15.43 50.99
CA LEU A 60 -6.85 16.54 51.45
C LEU A 60 -7.46 17.19 52.68
N VAL A 61 -6.63 17.38 53.70
CA VAL A 61 -7.08 18.01 54.94
C VAL A 61 -6.22 19.22 55.26
N ASP A 62 -6.87 20.36 55.48
CA ASP A 62 -6.22 21.58 55.90
C ASP A 62 -6.08 21.53 57.43
N ILE A 63 -4.85 21.48 57.94
CA ILE A 63 -4.66 21.30 59.39
C ILE A 63 -4.78 22.59 60.22
N THR A 64 -5.17 23.68 59.57
CA THR A 64 -5.68 24.85 60.27
C THR A 64 -7.18 24.67 60.47
N GLU A 65 -7.89 24.39 59.39
CA GLU A 65 -9.33 24.13 59.45
C GLU A 65 -9.57 22.90 60.34
N VAL A 66 -8.72 21.88 60.21
CA VAL A 66 -8.85 20.62 60.96
C VAL A 66 -7.59 20.29 61.78
N PRO A 67 -7.45 20.91 62.96
CA PRO A 67 -6.25 20.71 63.78
C PRO A 67 -6.36 19.49 64.69
N ASP A 68 -7.49 18.80 64.64
CA ASP A 68 -7.81 17.66 65.52
C ASP A 68 -6.70 16.63 65.68
N PHE A 69 -5.91 16.42 64.64
CA PHE A 69 -4.93 15.34 64.61
C PHE A 69 -3.49 15.83 64.77
N ASN A 70 -3.32 17.14 64.87
CA ASN A 70 -1.99 17.72 64.94
C ASN A 70 -1.12 17.14 66.06
N LYS A 71 -1.63 17.17 67.30
CA LYS A 71 -0.95 16.52 68.43
C LYS A 71 -0.77 15.00 68.21
N MET A 72 -1.85 14.33 67.84
CA MET A 72 -1.90 12.88 67.68
C MET A 72 -0.80 12.34 66.75
N TYR A 73 -0.69 12.94 65.57
CA TYR A 73 0.24 12.52 64.54
C TYR A 73 1.42 13.46 64.33
N GLU A 74 1.63 14.38 65.27
CA GLU A 74 2.78 15.31 65.24
C GLU A 74 2.92 15.98 63.86
N LEU A 75 1.83 16.58 63.40
CA LEU A 75 1.73 17.21 62.09
C LEU A 75 2.35 18.61 62.10
N TYR A 76 3.68 18.64 62.12
CA TYR A 76 4.42 19.89 62.28
C TYR A 76 5.18 20.24 60.99
N ASP A 77 5.16 19.31 60.05
CA ASP A 77 5.73 19.53 58.74
C ASP A 77 4.73 20.27 57.84
N PRO A 78 5.23 21.01 56.86
CA PRO A 78 4.35 21.63 55.84
C PRO A 78 3.41 20.62 55.16
N CYS A 79 3.92 19.43 54.85
CA CYS A 79 3.13 18.45 54.12
C CYS A 79 3.31 17.07 54.72
N THR A 80 2.19 16.42 55.03
CA THR A 80 2.25 15.08 55.57
C THR A 80 1.26 14.18 54.89
N VAL A 81 1.76 13.12 54.26
CA VAL A 81 0.92 12.08 53.72
C VAL A 81 0.97 10.87 54.64
N MET A 82 -0.20 10.40 55.07
CA MET A 82 -0.31 9.22 55.93
C MET A 82 -1.27 8.21 55.33
N PHE A 83 -1.14 6.95 55.75
CA PHE A 83 -1.91 5.83 55.18
C PHE A 83 -2.72 5.07 56.23
N PHE A 84 -3.93 4.66 55.85
CA PHE A 84 -4.84 4.00 56.76
C PHE A 84 -5.49 2.87 56.02
N PHE A 85 -5.62 1.74 56.68
CA PHE A 85 -6.36 0.64 56.11
C PHE A 85 -7.20 0.02 57.19
N ARG A 86 -8.49 -0.10 56.89
CA ARG A 86 -9.47 -0.63 57.84
C ARG A 86 -9.29 0.02 59.21
N ASN A 87 -9.30 1.35 59.21
CA ASN A 87 -9.22 2.18 60.41
C ASN A 87 -7.89 2.14 61.13
N LYS A 88 -6.88 1.54 60.52
CA LYS A 88 -5.59 1.41 61.18
C LYS A 88 -4.51 2.18 60.43
N HIS A 89 -3.72 2.92 61.20
CA HIS A 89 -2.56 3.63 60.68
C HIS A 89 -1.55 2.59 60.20
N ILE A 90 -1.19 2.68 58.93
CA ILE A 90 -0.23 1.76 58.33
C ILE A 90 1.12 2.44 58.24
N MET A 91 2.13 1.78 58.81
CA MET A 91 3.46 2.34 58.82
C MET A 91 4.26 1.88 57.61
N ILE A 92 5.15 2.73 57.14
CA ILE A 92 6.02 2.39 56.02
C ILE A 92 7.46 2.74 56.32
N ASP A 93 8.32 1.72 56.27
CA ASP A 93 9.75 1.92 56.38
C ASP A 93 10.25 2.48 55.04
N LEU A 94 10.49 3.79 55.04
CA LEU A 94 10.98 4.54 53.90
C LEU A 94 12.49 4.69 53.94
N GLY A 95 13.10 4.09 54.97
CA GLY A 95 14.53 4.21 55.19
C GLY A 95 14.92 5.51 55.88
N THR A 96 13.93 6.28 56.35
CA THR A 96 14.19 7.61 56.90
C THR A 96 14.26 7.67 58.44
N GLY A 97 13.90 6.58 59.10
CA GLY A 97 13.85 6.54 60.56
C GLY A 97 12.46 6.83 61.11
N ASN A 98 11.65 7.51 60.30
CA ASN A 98 10.25 7.78 60.63
C ASN A 98 9.31 6.95 59.75
N ASN A 99 8.70 5.95 60.36
CA ASN A 99 7.85 5.00 59.65
C ASN A 99 6.38 5.42 59.57
N ASN A 100 6.06 6.55 60.18
CA ASN A 100 4.66 6.99 60.31
C ASN A 100 4.09 7.73 59.10
N LYS A 101 4.96 8.32 58.28
CA LYS A 101 4.49 9.27 57.26
C LYS A 101 5.47 9.64 56.17
N ILE A 102 4.94 10.10 55.04
CA ILE A 102 5.74 10.78 54.02
C ILE A 102 5.57 12.28 54.24
N ASN A 103 6.67 12.95 54.56
CA ASN A 103 6.61 14.35 54.94
C ASN A 103 7.51 15.24 54.10
N TRP A 104 7.55 14.93 52.81
CA TRP A 104 8.27 15.70 51.81
C TRP A 104 7.50 15.47 50.53
N ALA A 105 7.59 16.40 49.59
CA ALA A 105 6.93 16.21 48.31
C ALA A 105 7.82 15.34 47.44
N MET A 106 7.42 14.09 47.26
CA MET A 106 8.07 13.31 46.24
C MET A 106 7.23 13.44 44.99
N GLU A 107 7.88 13.89 43.92
CA GLU A 107 7.20 14.21 42.68
C GLU A 107 7.37 13.10 41.64
N ASP A 108 7.74 11.91 42.11
CA ASP A 108 7.82 10.76 41.23
C ASP A 108 6.48 10.04 41.28
N LYS A 109 5.73 10.15 40.19
CA LYS A 109 4.33 9.72 40.12
C LYS A 109 4.17 8.21 40.33
N GLN A 110 4.80 7.43 39.45
CA GLN A 110 4.79 5.96 39.52
C GLN A 110 5.30 5.50 40.88
N GLU A 111 6.35 6.17 41.38
CA GLU A 111 6.92 5.85 42.70
C GLU A 111 5.84 5.91 43.77
N MET A 112 5.05 6.99 43.76
CA MET A 112 3.95 7.15 44.70
C MET A 112 2.90 6.06 44.51
N VAL A 113 2.59 5.74 43.26
CA VAL A 113 1.66 4.65 42.96
C VAL A 113 2.18 3.34 43.57
N ASP A 114 3.44 3.02 43.32
CA ASP A 114 4.05 1.80 43.86
C ASP A 114 4.02 1.77 45.39
N ILE A 115 4.26 2.90 46.03
CA ILE A 115 4.16 2.96 47.49
C ILE A 115 2.75 2.62 47.96
N ILE A 116 1.74 3.25 47.35
CA ILE A 116 0.36 3.04 47.76
C ILE A 116 -0.03 1.57 47.57
N GLU A 117 0.39 0.99 46.45
CA GLU A 117 0.14 -0.42 46.16
C GLU A 117 0.80 -1.35 47.18
N THR A 118 2.02 -0.99 47.61
CA THR A 118 2.72 -1.76 48.65
C THR A 118 1.96 -1.68 49.98
N VAL A 119 1.52 -0.47 50.34
CA VAL A 119 0.73 -0.27 51.55
C VAL A 119 -0.54 -1.12 51.50
N TYR A 120 -1.25 -1.07 50.37
CA TYR A 120 -2.48 -1.84 50.18
C TYR A 120 -2.25 -3.34 50.32
N ARG A 121 -1.26 -3.84 49.58
CA ARG A 121 -0.94 -5.26 49.59
C ARG A 121 -0.46 -5.74 50.95
N GLY A 122 0.40 -4.95 51.60
CA GLY A 122 0.87 -5.27 52.93
C GLY A 122 -0.29 -5.34 53.91
N ALA A 123 -1.05 -4.25 54.00
CA ALA A 123 -2.10 -4.12 55.01
C ALA A 123 -3.23 -5.14 54.85
N ARG A 124 -3.51 -5.54 53.61
CA ARG A 124 -4.53 -6.54 53.34
C ARG A 124 -4.12 -7.89 53.92
N LYS A 125 -2.81 -8.12 54.00
CA LYS A 125 -2.26 -9.34 54.55
C LYS A 125 -1.95 -9.19 56.04
N GLY A 126 -2.35 -8.07 56.62
CA GLY A 126 -2.26 -7.87 58.05
C GLY A 126 -0.96 -7.23 58.54
N ARG A 127 -0.09 -6.86 57.60
CA ARG A 127 1.13 -6.14 57.97
C ARG A 127 0.72 -4.74 58.46
N GLY A 128 1.25 -4.35 59.63
CA GLY A 128 1.05 -3.01 60.17
C GLY A 128 2.21 -2.12 59.77
N LEU A 129 3.29 -2.76 59.32
CA LEU A 129 4.49 -2.11 58.80
C LEU A 129 4.86 -2.71 57.44
N VAL A 130 5.21 -1.84 56.49
CA VAL A 130 5.62 -2.29 55.15
C VAL A 130 6.86 -1.49 54.74
N VAL A 131 7.63 -2.02 53.78
CA VAL A 131 8.85 -1.35 53.31
C VAL A 131 8.58 -0.63 51.98
N SER A 132 9.14 0.56 51.81
CA SER A 132 9.03 1.26 50.54
C SER A 132 10.03 0.67 49.53
N PRO A 133 9.58 0.44 48.29
CA PRO A 133 10.44 -0.13 47.24
C PRO A 133 11.79 0.59 47.06
N LYS A 134 11.77 1.93 47.14
CA LYS A 134 12.99 2.72 47.08
C LYS A 134 13.41 3.22 48.46
N ASP A 135 14.71 3.20 48.74
CA ASP A 135 15.29 3.76 49.95
C ASP A 135 15.40 5.30 49.83
N TYR A 136 14.78 6.03 50.74
CA TYR A 136 14.83 7.50 50.68
C TYR A 136 15.92 8.08 51.59
N SER A 137 17.06 7.38 51.57
CA SER A 137 18.26 7.63 52.38
C SER A 137 18.06 7.11 53.82
N TYR B 3 3.78 -17.43 -14.40
CA TYR B 3 2.55 -16.81 -13.71
C TYR B 3 2.90 -15.34 -13.94
N MET B 4 1.88 -14.50 -14.08
CA MET B 4 2.06 -13.09 -14.42
C MET B 4 0.97 -12.24 -13.77
N LEU B 5 1.30 -10.97 -13.50
CA LEU B 5 0.32 -10.03 -12.95
C LEU B 5 -0.71 -9.61 -14.00
N PRO B 6 -1.97 -9.43 -13.61
CA PRO B 6 -3.01 -8.99 -14.56
C PRO B 6 -2.85 -7.54 -14.97
N HIS B 7 -3.20 -7.24 -16.22
CA HIS B 7 -3.16 -5.91 -16.77
C HIS B 7 -4.55 -5.48 -17.22
N LEU B 8 -4.80 -4.18 -17.21
CA LEU B 8 -6.04 -3.59 -17.70
C LEU B 8 -5.69 -2.66 -18.86
N HIS B 9 -6.47 -2.76 -19.94
CA HIS B 9 -6.08 -2.21 -21.24
C HIS B 9 -6.93 -1.05 -21.76
N ASN B 10 -7.92 -0.63 -20.98
CA ASN B 10 -8.68 0.58 -21.29
C ASN B 10 -9.37 1.18 -20.05
N GLY B 11 -9.82 2.42 -20.19
CA GLY B 11 -10.43 3.15 -19.10
C GLY B 11 -11.58 2.42 -18.45
N TRP B 12 -12.38 1.76 -19.27
CA TRP B 12 -13.56 1.04 -18.79
C TRP B 12 -13.15 -0.16 -17.95
N GLN B 13 -12.11 -0.88 -18.40
CA GLN B 13 -11.61 -2.03 -17.65
C GLN B 13 -11.11 -1.61 -16.27
N VAL B 14 -10.44 -0.45 -16.18
CA VAL B 14 -9.95 0.06 -14.90
C VAL B 14 -11.10 0.45 -13.97
N ASP B 15 -12.11 1.14 -14.52
CA ASP B 15 -13.31 1.51 -13.77
C ASP B 15 -14.02 0.28 -13.23
N GLN B 16 -14.13 -0.75 -14.07
CA GLN B 16 -14.82 -1.99 -13.67
C GLN B 16 -14.02 -2.70 -12.58
N ALA B 17 -12.70 -2.71 -12.70
CA ALA B 17 -11.86 -3.42 -11.74
C ALA B 17 -11.96 -2.76 -10.38
N ILE B 18 -11.87 -1.42 -10.35
CA ILE B 18 -12.00 -0.69 -9.10
C ILE B 18 -13.40 -0.89 -8.51
N LEU B 19 -14.41 -0.93 -9.38
CA LEU B 19 -15.79 -1.15 -8.95
C LEU B 19 -16.11 -2.57 -8.42
N SER B 20 -15.31 -3.56 -8.80
CA SER B 20 -15.73 -4.96 -8.68
C SER B 20 -15.36 -5.71 -7.39
N GLU B 21 -14.58 -5.09 -6.52
CA GLU B 21 -14.12 -5.74 -5.28
C GLU B 21 -14.80 -5.15 -4.08
N GLU B 22 -15.63 -5.95 -3.41
CA GLU B 22 -16.29 -5.50 -2.19
C GLU B 22 -15.40 -5.75 -0.98
N ASP B 23 -14.49 -6.70 -1.10
CA ASP B 23 -13.79 -7.16 0.08
C ASP B 23 -12.28 -7.28 -0.08
N ARG B 24 -11.73 -6.58 -1.06
CA ARG B 24 -10.29 -6.55 -1.28
C ARG B 24 -9.84 -5.17 -1.73
N VAL B 25 -8.64 -4.78 -1.29
CA VAL B 25 -8.01 -3.59 -1.83
C VAL B 25 -7.66 -3.79 -3.31
N VAL B 26 -8.03 -2.84 -4.17
CA VAL B 26 -7.55 -2.84 -5.55
C VAL B 26 -6.26 -2.03 -5.58
N VAL B 27 -5.18 -2.68 -5.98
CA VAL B 27 -3.86 -2.04 -6.07
C VAL B 27 -3.53 -1.80 -7.54
N ILE B 28 -3.42 -0.54 -7.94
CA ILE B 28 -3.14 -0.23 -9.33
C ILE B 28 -1.74 0.36 -9.48
N ARG B 29 -0.95 -0.26 -10.34
CA ARG B 29 0.35 0.28 -10.71
C ARG B 29 0.18 0.98 -12.05
N PHE B 30 0.37 2.30 -12.02
CA PHE B 30 0.30 3.15 -13.20
C PHE B 30 1.71 3.46 -13.71
N GLY B 31 1.95 3.18 -14.98
CA GLY B 31 3.27 3.40 -15.57
C GLY B 31 3.42 2.62 -16.86
N HIS B 32 4.56 1.97 -17.02
CA HIS B 32 4.85 1.20 -18.22
C HIS B 32 5.71 -0.02 -17.86
N ASP B 33 5.49 -1.14 -18.56
CA ASP B 33 6.31 -2.33 -18.33
C ASP B 33 7.80 -2.10 -18.66
N TRP B 34 8.07 -1.18 -19.59
CA TRP B 34 9.43 -0.92 -20.05
C TRP B 34 10.20 0.04 -19.13
N ASP B 35 9.51 0.64 -18.17
CA ASP B 35 10.11 1.65 -17.31
C ASP B 35 10.91 1.01 -16.16
N PRO B 36 12.19 1.41 -16.01
CA PRO B 36 13.07 0.83 -14.97
C PRO B 36 12.50 0.88 -13.55
N THR B 37 11.82 1.98 -13.20
CA THR B 37 11.22 2.12 -11.87
C THR B 37 10.05 1.13 -11.68
N CYS B 38 9.17 1.09 -12.67
CA CYS B 38 8.08 0.11 -12.71
C CYS B 38 8.59 -1.32 -12.64
N MET B 39 9.68 -1.62 -13.34
CA MET B 39 10.28 -2.96 -13.32
C MET B 39 10.54 -3.42 -11.88
N LYS B 40 11.16 -2.55 -11.10
CA LYS B 40 11.49 -2.84 -9.69
C LYS B 40 10.23 -2.95 -8.83
N MET B 41 9.24 -2.10 -9.10
CA MET B 41 7.98 -2.13 -8.39
C MET B 41 7.17 -3.37 -8.76
N ASP B 42 7.16 -3.69 -10.06
CA ASP B 42 6.44 -4.86 -10.56
C ASP B 42 6.96 -6.15 -9.95
N GLU B 43 8.28 -6.23 -9.77
CA GLU B 43 8.93 -7.37 -9.13
C GLU B 43 8.50 -7.58 -7.68
N VAL B 44 8.37 -6.47 -6.94
CA VAL B 44 7.85 -6.53 -5.59
C VAL B 44 6.39 -6.98 -5.59
N LEU B 45 5.60 -6.39 -6.48
CA LEU B 45 4.17 -6.67 -6.56
C LEU B 45 3.90 -8.11 -6.95
N TYR B 46 4.72 -8.64 -7.87
CA TYR B 46 4.63 -10.02 -8.33
C TYR B 46 4.88 -11.00 -7.20
N SER B 47 5.94 -10.75 -6.42
CA SER B 47 6.35 -11.70 -5.40
C SER B 47 5.44 -11.68 -4.16
N ILE B 48 4.68 -10.60 -3.98
CA ILE B 48 3.78 -10.50 -2.83
C ILE B 48 2.32 -10.83 -3.20
N ALA B 49 2.03 -10.91 -4.49
CA ALA B 49 0.65 -11.03 -4.97
C ALA B 49 -0.11 -12.20 -4.36
N GLU B 50 0.55 -13.36 -4.32
CA GLU B 50 0.00 -14.58 -3.72
C GLU B 50 -0.24 -14.40 -2.21
N LYS B 51 0.73 -13.80 -1.54
CA LYS B 51 0.65 -13.57 -0.10
C LYS B 51 -0.61 -12.76 0.26
N VAL B 52 -0.88 -11.70 -0.50
CA VAL B 52 -1.96 -10.75 -0.17
C VAL B 52 -3.32 -11.02 -0.85
N LYS B 53 -3.38 -12.07 -1.68
CA LYS B 53 -4.54 -12.34 -2.55
C LYS B 53 -5.90 -12.39 -1.85
N ASN B 54 -5.92 -12.75 -0.56
CA ASN B 54 -7.16 -12.80 0.22
C ASN B 54 -7.77 -11.43 0.41
N PHE B 55 -6.93 -10.41 0.50
CA PHE B 55 -7.37 -9.06 0.83
C PHE B 55 -6.96 -7.99 -0.18
N ALA B 56 -6.25 -8.40 -1.24
CA ALA B 56 -5.79 -7.45 -2.22
C ALA B 56 -5.63 -8.06 -3.61
N VAL B 57 -5.97 -7.26 -4.61
CA VAL B 57 -5.78 -7.63 -6.01
C VAL B 57 -4.92 -6.53 -6.64
N ILE B 58 -4.01 -6.93 -7.53
CA ILE B 58 -3.03 -6.03 -8.13
C ILE B 58 -3.17 -5.99 -9.66
N TYR B 59 -3.39 -4.80 -10.21
CA TYR B 59 -3.45 -4.60 -11.66
C TYR B 59 -2.41 -3.60 -12.15
N LEU B 60 -1.84 -3.89 -13.31
CA LEU B 60 -0.90 -2.97 -13.94
C LEU B 60 -1.57 -2.28 -15.12
N VAL B 61 -1.35 -0.98 -15.22
CA VAL B 61 -2.00 -0.17 -16.22
C VAL B 61 -0.94 0.69 -16.90
N ASP B 62 -0.76 0.43 -18.19
CA ASP B 62 0.10 1.24 -19.05
C ASP B 62 -0.61 2.57 -19.29
N ILE B 63 0.00 3.66 -18.83
CA ILE B 63 -0.59 5.00 -18.86
C ILE B 63 -0.44 5.70 -20.22
N THR B 64 0.13 5.00 -21.20
CA THR B 64 0.10 5.45 -22.58
C THR B 64 -1.09 4.77 -23.28
N GLU B 65 -1.22 3.45 -23.08
CA GLU B 65 -2.37 2.71 -23.57
C GLU B 65 -3.66 3.23 -22.92
N VAL B 66 -3.59 3.54 -21.62
CA VAL B 66 -4.74 4.00 -20.83
C VAL B 66 -4.37 5.33 -20.13
N PRO B 67 -4.59 6.46 -20.79
CA PRO B 67 -4.28 7.76 -20.20
C PRO B 67 -5.46 8.41 -19.48
N ASP B 68 -6.54 7.66 -19.28
CA ASP B 68 -7.80 8.17 -18.74
C ASP B 68 -7.73 8.77 -17.34
N PHE B 69 -6.66 8.47 -16.60
CA PHE B 69 -6.55 8.88 -15.21
C PHE B 69 -5.37 9.79 -14.97
N ASN B 70 -4.64 10.07 -16.04
CA ASN B 70 -3.43 10.88 -15.98
C ASN B 70 -3.68 12.27 -15.42
N LYS B 71 -4.78 12.89 -15.84
CA LYS B 71 -5.16 14.22 -15.34
C LYS B 71 -5.74 14.11 -13.92
N MET B 72 -6.74 13.26 -13.78
CA MET B 72 -7.44 13.01 -12.52
C MET B 72 -6.52 12.77 -11.33
N TYR B 73 -5.46 12.00 -11.56
CA TYR B 73 -4.61 11.54 -10.46
C TYR B 73 -3.20 12.12 -10.50
N GLU B 74 -2.94 12.98 -11.47
CA GLU B 74 -1.63 13.63 -11.64
C GLU B 74 -0.51 12.60 -11.86
N LEU B 75 -0.68 11.77 -12.89
CA LEU B 75 0.18 10.62 -13.12
C LEU B 75 1.41 10.98 -13.96
N TYR B 76 2.37 11.64 -13.34
CA TYR B 76 3.49 12.20 -14.08
C TYR B 76 4.84 11.64 -13.63
N ASP B 77 4.81 10.81 -12.60
CA ASP B 77 5.97 10.04 -12.19
C ASP B 77 6.07 8.80 -13.08
N PRO B 78 7.29 8.31 -13.31
CA PRO B 78 7.50 7.06 -14.04
C PRO B 78 6.61 5.91 -13.54
N CYS B 79 6.52 5.78 -12.22
CA CYS B 79 5.81 4.68 -11.57
C CYS B 79 4.91 5.22 -10.45
N THR B 80 3.65 4.80 -10.46
CA THR B 80 2.67 5.26 -9.49
C THR B 80 1.78 4.12 -9.02
N VAL B 81 1.79 3.87 -7.73
CA VAL B 81 0.95 2.84 -7.13
C VAL B 81 -0.11 3.52 -6.28
N MET B 82 -1.38 3.17 -6.53
CA MET B 82 -2.53 3.75 -5.83
C MET B 82 -3.45 2.67 -5.27
N PHE B 83 -4.18 2.99 -4.20
CA PHE B 83 -5.00 2.02 -3.48
C PHE B 83 -6.48 2.40 -3.48
N PHE B 84 -7.32 1.42 -3.75
CA PHE B 84 -8.75 1.63 -3.79
C PHE B 84 -9.46 0.61 -2.93
N PHE B 85 -10.58 1.01 -2.35
CA PHE B 85 -11.40 0.07 -1.62
C PHE B 85 -12.85 0.46 -1.72
N ARG B 86 -13.67 -0.49 -2.20
CA ARG B 86 -15.09 -0.25 -2.48
C ARG B 86 -15.24 1.05 -3.25
N ASN B 87 -14.55 1.13 -4.39
CA ASN B 87 -14.57 2.29 -5.29
C ASN B 87 -13.96 3.59 -4.75
N LYS B 88 -13.44 3.57 -3.53
CA LYS B 88 -12.89 4.79 -2.94
C LYS B 88 -11.37 4.78 -2.97
N HIS B 89 -10.81 5.87 -3.48
CA HIS B 89 -9.38 6.11 -3.41
C HIS B 89 -9.01 6.24 -1.93
N ILE B 90 -8.10 5.38 -1.48
CA ILE B 90 -7.66 5.39 -0.09
C ILE B 90 -6.30 6.03 -0.03
N MET B 91 -6.21 7.10 0.75
CA MET B 91 -4.97 7.83 0.92
C MET B 91 -4.09 7.17 1.96
N ILE B 92 -2.79 7.30 1.79
CA ILE B 92 -1.82 6.86 2.79
C ILE B 92 -0.89 8.00 3.19
N ASP B 93 -0.81 8.26 4.48
CA ASP B 93 0.19 9.17 4.99
C ASP B 93 1.52 8.41 5.09
N LEU B 94 2.40 8.67 4.13
CA LEU B 94 3.72 8.02 4.08
C LEU B 94 4.77 8.94 4.69
N GLY B 95 4.32 10.11 5.14
CA GLY B 95 5.19 11.15 5.67
C GLY B 95 5.94 11.92 4.61
N THR B 96 5.51 11.80 3.35
CA THR B 96 6.20 12.43 2.22
C THR B 96 5.54 13.70 1.70
N GLY B 97 4.41 14.10 2.29
CA GLY B 97 3.64 15.23 1.80
C GLY B 97 2.61 14.91 0.73
N ASN B 98 2.75 13.76 0.06
CA ASN B 98 1.77 13.29 -0.91
C ASN B 98 1.11 11.99 -0.43
N ASN B 99 -0.14 12.12 0.01
CA ASN B 99 -0.88 11.02 0.59
C ASN B 99 -1.66 10.21 -0.44
N ASN B 100 -1.58 10.62 -1.70
CA ASN B 100 -2.38 10.00 -2.77
C ASN B 100 -1.81 8.72 -3.33
N LYS B 101 -0.49 8.55 -3.26
CA LYS B 101 0.17 7.47 -3.99
C LYS B 101 1.57 7.12 -3.49
N ILE B 102 2.02 5.91 -3.82
CA ILE B 102 3.43 5.56 -3.75
C ILE B 102 4.02 5.75 -5.14
N ASN B 103 4.93 6.71 -5.27
CA ASN B 103 5.52 7.04 -6.58
C ASN B 103 7.03 6.78 -6.68
N TRP B 104 7.52 5.88 -5.83
CA TRP B 104 8.89 5.39 -5.90
C TRP B 104 8.91 3.87 -5.78
N ALA B 105 9.95 3.24 -6.33
CA ALA B 105 10.09 1.79 -6.29
C ALA B 105 10.68 1.38 -4.96
N MET B 106 9.80 0.97 -4.05
CA MET B 106 10.27 0.43 -2.78
C MET B 106 10.30 -1.08 -2.90
N GLU B 107 11.48 -1.65 -2.70
CA GLU B 107 11.74 -3.05 -3.03
C GLU B 107 11.75 -3.93 -1.78
N ASP B 108 11.24 -3.38 -0.68
CA ASP B 108 11.06 -4.14 0.54
C ASP B 108 9.68 -4.79 0.52
N LYS B 109 9.65 -6.08 0.20
CA LYS B 109 8.42 -6.84 -0.01
C LYS B 109 7.45 -6.85 1.18
N GLN B 110 7.98 -7.20 2.36
CA GLN B 110 7.19 -7.25 3.59
C GLN B 110 6.63 -5.89 3.98
N GLU B 111 7.41 -4.84 3.77
CA GLU B 111 6.96 -3.47 4.01
C GLU B 111 5.73 -3.15 3.15
N MET B 112 5.77 -3.57 1.89
CA MET B 112 4.64 -3.33 0.98
C MET B 112 3.42 -4.16 1.37
N VAL B 113 3.63 -5.37 1.84
CA VAL B 113 2.55 -6.20 2.39
C VAL B 113 1.89 -5.51 3.59
N ASP B 114 2.72 -5.01 4.51
CA ASP B 114 2.24 -4.32 5.69
C ASP B 114 1.47 -3.05 5.34
N ILE B 115 1.91 -2.34 4.29
CA ILE B 115 1.19 -1.17 3.80
C ILE B 115 -0.19 -1.59 3.28
N ILE B 116 -0.22 -2.57 2.39
CA ILE B 116 -1.48 -3.04 1.83
C ILE B 116 -2.43 -3.50 2.94
N GLU B 117 -1.89 -4.20 3.93
CA GLU B 117 -2.69 -4.70 5.04
C GLU B 117 -3.30 -3.55 5.86
N THR B 118 -2.51 -2.50 6.05
CA THR B 118 -2.94 -1.32 6.77
C THR B 118 -4.06 -0.61 6.01
N VAL B 119 -3.87 -0.44 4.70
CA VAL B 119 -4.90 0.16 3.85
C VAL B 119 -6.21 -0.61 3.98
N TYR B 120 -6.12 -1.93 3.87
CA TYR B 120 -7.25 -2.85 4.01
C TYR B 120 -8.00 -2.74 5.33
N ARG B 121 -7.28 -2.83 6.45
CA ARG B 121 -7.92 -2.74 7.77
C ARG B 121 -8.57 -1.39 7.99
N GLY B 122 -7.89 -0.32 7.59
CA GLY B 122 -8.40 1.03 7.73
C GLY B 122 -9.64 1.24 6.88
N ALA B 123 -9.55 0.90 5.60
CA ALA B 123 -10.65 1.09 4.68
C ALA B 123 -11.89 0.29 5.10
N ARG B 124 -11.68 -0.92 5.60
CA ARG B 124 -12.75 -1.76 6.15
C ARG B 124 -13.48 -1.09 7.33
N LYS B 125 -12.74 -0.30 8.09
CA LYS B 125 -13.33 0.43 9.21
C LYS B 125 -13.78 1.84 8.79
N GLY B 126 -13.94 2.02 7.48
CA GLY B 126 -14.45 3.26 6.92
C GLY B 126 -13.47 4.41 6.82
N ARG B 127 -12.19 4.15 7.11
CA ARG B 127 -11.18 5.20 7.01
C ARG B 127 -10.87 5.49 5.53
N GLY B 128 -10.70 6.77 5.21
CA GLY B 128 -10.29 7.17 3.87
C GLY B 128 -8.83 7.56 3.83
N LEU B 129 -8.19 7.52 5.00
CA LEU B 129 -6.77 7.81 5.15
C LEU B 129 -6.16 6.85 6.16
N VAL B 130 -4.94 6.44 5.89
CA VAL B 130 -4.25 5.50 6.75
C VAL B 130 -2.78 5.94 6.88
N VAL B 131 -2.13 5.55 7.97
CA VAL B 131 -0.72 5.86 8.15
C VAL B 131 0.10 4.62 7.81
N SER B 132 1.16 4.79 7.02
CA SER B 132 2.07 3.68 6.73
C SER B 132 2.95 3.43 7.96
N PRO B 133 3.13 2.17 8.33
CA PRO B 133 3.91 1.79 9.51
C PRO B 133 5.29 2.46 9.62
N LYS B 134 5.96 2.62 8.48
CA LYS B 134 7.28 3.25 8.42
C LYS B 134 7.19 4.64 7.82
N ASP B 135 7.94 5.56 8.41
CA ASP B 135 8.09 6.92 7.92
C ASP B 135 9.09 6.95 6.77
N TYR B 136 8.62 7.39 5.59
CA TYR B 136 9.50 7.56 4.44
C TYR B 136 10.03 9.00 4.35
N SER B 137 10.48 9.47 5.51
CA SER B 137 11.12 10.78 5.73
C SER B 137 10.11 11.90 5.62
N TYR C 3 -0.42 -1.96 -71.28
CA TYR C 3 0.57 -2.91 -70.72
C TYR C 3 0.13 -4.38 -70.79
N MET C 4 -0.81 -4.68 -71.70
CA MET C 4 -1.30 -6.05 -71.92
C MET C 4 -2.25 -6.60 -70.85
N LEU C 5 -2.50 -5.83 -69.79
CA LEU C 5 -3.44 -6.22 -68.74
C LEU C 5 -4.83 -6.50 -69.34
N PRO C 6 -5.53 -7.52 -68.85
CA PRO C 6 -6.84 -7.85 -69.41
C PRO C 6 -7.91 -6.79 -69.11
N HIS C 7 -8.73 -6.50 -70.11
CA HIS C 7 -9.79 -5.50 -70.03
C HIS C 7 -11.16 -6.19 -69.90
N LEU C 8 -12.10 -5.49 -69.26
CA LEU C 8 -13.49 -5.95 -69.17
C LEU C 8 -14.40 -4.94 -69.88
N HIS C 9 -15.15 -5.42 -70.86
CA HIS C 9 -15.80 -4.54 -71.84
C HIS C 9 -17.28 -4.22 -71.59
N ASN C 10 -17.91 -4.91 -70.65
CA ASN C 10 -19.27 -4.55 -70.25
C ASN C 10 -19.57 -4.85 -68.78
N GLY C 11 -20.71 -4.34 -68.31
CA GLY C 11 -21.15 -4.51 -66.93
C GLY C 11 -21.16 -5.96 -66.49
N TRP C 12 -21.81 -6.82 -67.28
CA TRP C 12 -21.94 -8.24 -66.97
C TRP C 12 -20.58 -8.95 -66.85
N GLN C 13 -19.57 -8.45 -67.61
CA GLN C 13 -18.21 -9.01 -67.55
C GLN C 13 -17.48 -8.68 -66.26
N VAL C 14 -17.77 -7.50 -65.71
CA VAL C 14 -17.21 -7.09 -64.41
C VAL C 14 -17.84 -7.90 -63.28
N ASP C 15 -19.15 -8.06 -63.31
CA ASP C 15 -19.85 -8.93 -62.35
C ASP C 15 -19.25 -10.35 -62.33
N GLN C 16 -18.99 -10.88 -63.52
CA GLN C 16 -18.41 -12.21 -63.69
C GLN C 16 -16.99 -12.32 -63.16
N ALA C 17 -16.17 -11.32 -63.46
CA ALA C 17 -14.78 -11.29 -63.02
C ALA C 17 -14.68 -11.26 -61.50
N ILE C 18 -15.50 -10.41 -60.87
CA ILE C 18 -15.52 -10.27 -59.41
C ILE C 18 -16.06 -11.56 -58.78
N LEU C 19 -17.01 -12.20 -59.45
CA LEU C 19 -17.63 -13.43 -58.98
C LEU C 19 -16.83 -14.71 -59.27
N SER C 20 -15.76 -14.59 -60.07
CA SER C 20 -15.04 -15.76 -60.58
C SER C 20 -13.78 -16.19 -59.81
N GLU C 21 -13.41 -15.40 -58.81
CA GLU C 21 -12.27 -15.73 -57.96
C GLU C 21 -12.75 -15.99 -56.54
N GLU C 22 -12.26 -17.07 -55.94
CA GLU C 22 -12.61 -17.42 -54.57
C GLU C 22 -11.36 -17.37 -53.70
N ASP C 23 -10.20 -17.50 -54.34
CA ASP C 23 -8.92 -17.57 -53.63
C ASP C 23 -7.96 -16.39 -53.90
N ARG C 24 -8.37 -15.45 -54.73
CA ARG C 24 -7.56 -14.27 -55.04
C ARG C 24 -8.36 -12.98 -54.91
N VAL C 25 -7.69 -11.87 -54.67
CA VAL C 25 -8.31 -10.55 -54.72
C VAL C 25 -8.53 -10.14 -56.16
N VAL C 26 -9.69 -9.57 -56.48
CA VAL C 26 -9.91 -8.96 -57.79
C VAL C 26 -9.64 -7.47 -57.69
N VAL C 27 -8.56 -7.06 -58.34
CA VAL C 27 -8.17 -5.66 -58.41
C VAL C 27 -8.69 -5.10 -59.73
N ILE C 28 -9.56 -4.10 -59.62
CA ILE C 28 -10.08 -3.42 -60.80
C ILE C 28 -9.61 -1.96 -60.83
N ARG C 29 -9.00 -1.57 -61.94
CA ARG C 29 -8.69 -0.18 -62.23
C ARG C 29 -9.79 0.38 -63.12
N PHE C 30 -10.59 1.26 -62.54
CA PHE C 30 -11.66 1.97 -63.23
C PHE C 30 -11.14 3.32 -63.76
N GLY C 31 -11.20 3.51 -65.07
CA GLY C 31 -10.77 4.77 -65.67
C GLY C 31 -10.73 4.71 -67.18
N HIS C 32 -9.67 5.23 -67.76
CA HIS C 32 -9.46 5.10 -69.20
C HIS C 32 -7.97 4.94 -69.50
N ASP C 33 -7.67 4.12 -70.49
CA ASP C 33 -6.30 3.93 -70.95
C ASP C 33 -5.59 5.22 -71.32
N TRP C 34 -6.33 6.16 -71.92
CA TRP C 34 -5.76 7.41 -72.43
C TRP C 34 -5.41 8.42 -71.34
N ASP C 35 -5.94 8.22 -70.14
CA ASP C 35 -5.76 9.18 -69.05
C ASP C 35 -4.38 9.04 -68.40
N PRO C 36 -3.67 10.15 -68.21
CA PRO C 36 -2.31 10.14 -67.64
C PRO C 36 -2.19 9.43 -66.27
N THR C 37 -3.11 9.66 -65.34
CA THR C 37 -3.10 8.93 -64.06
C THR C 37 -3.26 7.41 -64.25
N CYS C 38 -4.14 6.99 -65.15
CA CYS C 38 -4.25 5.56 -65.47
C CYS C 38 -2.99 5.01 -66.13
N MET C 39 -2.41 5.76 -67.06
CA MET C 39 -1.14 5.35 -67.66
C MET C 39 -0.12 4.96 -66.58
N LYS C 40 -0.01 5.79 -65.55
CA LYS C 40 0.94 5.56 -64.45
C LYS C 40 0.53 4.40 -63.56
N MET C 41 -0.75 4.32 -63.21
CA MET C 41 -1.26 3.24 -62.37
C MET C 41 -1.17 1.89 -63.09
N ASP C 42 -1.47 1.88 -64.39
CA ASP C 42 -1.37 0.71 -65.23
C ASP C 42 0.07 0.20 -65.32
N GLU C 43 1.02 1.13 -65.37
CA GLU C 43 2.43 0.73 -65.36
C GLU C 43 2.75 -0.05 -64.08
N VAL C 44 2.24 0.44 -62.95
CA VAL C 44 2.46 -0.18 -61.65
C VAL C 44 1.79 -1.55 -61.58
N LEU C 45 0.49 -1.61 -61.92
CA LEU C 45 -0.26 -2.85 -61.85
C LEU C 45 0.32 -3.92 -62.76
N TYR C 46 0.76 -3.49 -63.95
CA TYR C 46 1.44 -4.36 -64.89
C TYR C 46 2.69 -4.96 -64.29
N SER C 47 3.53 -4.11 -63.68
CA SER C 47 4.85 -4.55 -63.27
C SER C 47 4.87 -5.29 -61.92
N ILE C 48 3.69 -5.47 -61.33
CA ILE C 48 3.55 -6.24 -60.09
C ILE C 48 2.60 -7.42 -60.30
N ALA C 49 1.92 -7.47 -61.45
CA ALA C 49 0.95 -8.51 -61.76
C ALA C 49 1.46 -9.94 -61.52
N GLU C 50 2.74 -10.18 -61.81
CA GLU C 50 3.34 -11.48 -61.60
C GLU C 50 3.64 -11.74 -60.13
N LYS C 51 4.10 -10.69 -59.43
CA LYS C 51 4.42 -10.77 -58.01
C LYS C 51 3.22 -11.26 -57.20
N VAL C 52 2.05 -10.72 -57.51
CA VAL C 52 0.83 -10.91 -56.72
C VAL C 52 -0.10 -11.99 -57.28
N LYS C 53 0.38 -12.72 -58.28
CA LYS C 53 -0.49 -13.61 -59.07
C LYS C 53 -1.06 -14.81 -58.29
N ASN C 54 -0.45 -15.16 -57.17
CA ASN C 54 -0.96 -16.23 -56.32
C ASN C 54 -2.15 -15.79 -55.45
N PHE C 55 -2.28 -14.49 -55.23
CA PHE C 55 -3.32 -13.97 -54.36
C PHE C 55 -4.14 -12.82 -54.93
N ALA C 56 -3.91 -12.50 -56.20
CA ALA C 56 -4.59 -11.38 -56.85
C ALA C 56 -4.55 -11.44 -58.37
N VAL C 57 -5.60 -10.89 -58.97
CA VAL C 57 -5.72 -10.77 -60.41
C VAL C 57 -6.19 -9.34 -60.71
N ILE C 58 -5.67 -8.77 -61.80
CA ILE C 58 -5.91 -7.36 -62.15
C ILE C 58 -6.65 -7.22 -63.49
N TYR C 59 -7.76 -6.48 -63.47
CA TYR C 59 -8.50 -6.16 -64.68
C TYR C 59 -8.62 -4.65 -64.85
N LEU C 60 -8.73 -4.19 -66.09
CA LEU C 60 -8.96 -2.77 -66.38
C LEU C 60 -10.34 -2.53 -66.92
N VAL C 61 -10.94 -1.42 -66.52
CA VAL C 61 -12.30 -1.08 -66.93
C VAL C 61 -12.37 0.35 -67.42
N ASP C 62 -12.73 0.49 -68.69
CA ASP C 62 -13.01 1.79 -69.28
C ASP C 62 -14.44 2.22 -68.92
N ILE C 63 -14.55 3.28 -68.14
CA ILE C 63 -15.81 3.72 -67.56
C ILE C 63 -16.68 4.60 -68.46
N THR C 64 -16.24 4.79 -69.71
CA THR C 64 -17.10 5.31 -70.76
C THR C 64 -17.81 4.12 -71.43
N GLU C 65 -17.02 3.09 -71.75
CA GLU C 65 -17.49 1.84 -72.31
C GLU C 65 -18.40 1.09 -71.32
N VAL C 66 -17.95 1.01 -70.07
CA VAL C 66 -18.70 0.36 -68.99
C VAL C 66 -19.03 1.38 -67.89
N PRO C 67 -20.07 2.18 -68.09
CA PRO C 67 -20.41 3.24 -67.14
C PRO C 67 -21.25 2.72 -65.97
N ASP C 68 -21.41 1.39 -65.89
CA ASP C 68 -22.40 0.74 -65.02
C ASP C 68 -22.18 0.95 -63.52
N PHE C 69 -20.94 1.21 -63.12
CA PHE C 69 -20.62 1.28 -61.70
C PHE C 69 -20.37 2.72 -61.23
N ASN C 70 -20.48 3.69 -62.14
CA ASN C 70 -20.11 5.08 -61.84
C ASN C 70 -20.89 5.71 -60.68
N LYS C 71 -22.21 5.58 -60.70
CA LYS C 71 -23.05 6.12 -59.62
C LYS C 71 -22.86 5.32 -58.33
N MET C 72 -22.71 4.00 -58.47
CA MET C 72 -22.60 3.07 -57.35
C MET C 72 -21.33 3.27 -56.51
N TYR C 73 -20.20 3.48 -57.19
CA TYR C 73 -18.93 3.65 -56.49
C TYR C 73 -18.38 5.07 -56.56
N GLU C 74 -19.17 6.00 -57.14
CA GLU C 74 -18.78 7.41 -57.24
C GLU C 74 -17.43 7.56 -57.96
N LEU C 75 -17.35 6.92 -59.14
CA LEU C 75 -16.12 6.90 -59.94
C LEU C 75 -16.11 8.15 -60.81
N TYR C 76 -15.67 9.23 -60.18
CA TYR C 76 -15.67 10.53 -60.82
C TYR C 76 -14.22 11.02 -60.91
N ASP C 77 -13.32 10.21 -60.40
CA ASP C 77 -11.90 10.46 -60.51
C ASP C 77 -11.36 9.89 -61.84
N PRO C 78 -10.27 10.47 -62.33
CA PRO C 78 -9.60 9.93 -63.52
C PRO C 78 -9.29 8.44 -63.36
N CYS C 79 -8.77 8.07 -62.20
CA CYS C 79 -8.27 6.71 -61.97
C CYS C 79 -8.64 6.21 -60.59
N THR C 80 -9.26 5.04 -60.54
CA THR C 80 -9.75 4.47 -59.28
C THR C 80 -9.40 2.98 -59.21
N VAL C 81 -8.68 2.60 -58.16
CA VAL C 81 -8.43 1.18 -57.93
C VAL C 81 -9.24 0.68 -56.75
N MET C 82 -10.02 -0.38 -56.99
CA MET C 82 -10.87 -0.98 -55.97
C MET C 82 -10.61 -2.48 -55.82
N PHE C 83 -10.88 -3.00 -54.62
CA PHE C 83 -10.54 -4.39 -54.30
C PHE C 83 -11.78 -5.19 -53.96
N PHE C 84 -11.79 -6.45 -54.40
CA PHE C 84 -12.89 -7.37 -54.16
C PHE C 84 -12.33 -8.74 -53.83
N PHE C 85 -12.99 -9.42 -52.89
CA PHE C 85 -12.63 -10.77 -52.52
C PHE C 85 -13.90 -11.55 -52.21
N ARG C 86 -14.06 -12.68 -52.88
CA ARG C 86 -15.26 -13.51 -52.78
C ARG C 86 -16.54 -12.68 -52.94
N ASN C 87 -16.53 -11.83 -53.97
CA ASN C 87 -17.67 -10.99 -54.35
C ASN C 87 -18.02 -9.87 -53.37
N LYS C 88 -17.14 -9.63 -52.41
CA LYS C 88 -17.34 -8.56 -51.43
C LYS C 88 -16.36 -7.42 -51.66
N HIS C 89 -16.88 -6.19 -51.64
CA HIS C 89 -16.07 -4.98 -51.74
C HIS C 89 -15.19 -4.84 -50.50
N ILE C 90 -13.87 -4.94 -50.68
CA ILE C 90 -12.94 -4.84 -49.56
C ILE C 90 -12.47 -3.40 -49.36
N MET C 91 -12.78 -2.85 -48.19
CA MET C 91 -12.42 -1.49 -47.86
C MET C 91 -11.02 -1.42 -47.26
N ILE C 92 -10.35 -0.30 -47.45
CA ILE C 92 -9.04 -0.08 -46.83
C ILE C 92 -8.85 1.34 -46.28
N ASP C 93 -8.42 1.41 -45.03
CA ASP C 93 -8.13 2.68 -44.39
C ASP C 93 -6.75 3.15 -44.84
N LEU C 94 -6.76 4.14 -45.74
CA LEU C 94 -5.56 4.64 -46.38
C LEU C 94 -5.12 5.97 -45.74
N GLY C 95 -5.91 6.42 -44.76
CA GLY C 95 -5.66 7.68 -44.08
C GLY C 95 -6.17 8.90 -44.81
N THR C 96 -6.86 8.69 -45.94
CA THR C 96 -7.44 9.79 -46.71
C THR C 96 -8.89 10.15 -46.36
N GLY C 97 -9.52 9.35 -45.51
CA GLY C 97 -10.93 9.55 -45.22
C GLY C 97 -11.88 8.81 -46.16
N ASN C 98 -11.36 8.35 -47.29
CA ASN C 98 -12.11 7.50 -48.21
C ASN C 98 -11.52 6.09 -48.18
N ASN C 99 -12.25 5.17 -47.55
CA ASN C 99 -11.79 3.80 -47.37
C ASN C 99 -12.23 2.86 -48.50
N ASN C 100 -12.86 3.43 -49.53
CA ASN C 100 -13.45 2.64 -50.60
C ASN C 100 -12.49 2.33 -51.76
N LYS C 101 -11.46 3.16 -51.92
CA LYS C 101 -10.66 3.11 -53.14
C LYS C 101 -9.34 3.85 -53.07
N ILE C 102 -8.41 3.44 -53.93
CA ILE C 102 -7.22 4.23 -54.24
C ILE C 102 -7.54 5.02 -55.51
N ASN C 103 -7.60 6.34 -55.39
CA ASN C 103 -8.00 7.21 -56.50
C ASN C 103 -6.92 8.21 -56.92
N TRP C 104 -5.67 7.83 -56.67
CA TRP C 104 -4.49 8.52 -57.18
C TRP C 104 -3.51 7.46 -57.70
N ALA C 105 -2.61 7.86 -58.59
CA ALA C 105 -1.58 6.94 -59.08
C ALA C 105 -0.46 6.95 -58.06
N MET C 106 -0.36 5.85 -57.34
CA MET C 106 0.75 5.70 -56.44
C MET C 106 1.76 4.86 -57.18
N GLU C 107 2.97 5.38 -57.29
CA GLU C 107 3.95 4.83 -58.22
C GLU C 107 5.06 4.10 -57.48
N ASP C 108 4.80 3.79 -56.21
CA ASP C 108 5.70 2.90 -55.48
C ASP C 108 5.16 1.48 -55.66
N LYS C 109 5.90 0.65 -56.38
CA LYS C 109 5.44 -0.68 -56.79
C LYS C 109 5.24 -1.66 -55.63
N GLN C 110 6.26 -1.77 -54.77
CA GLN C 110 6.20 -2.69 -53.63
C GLN C 110 5.10 -2.29 -52.63
N GLU C 111 4.90 -0.98 -52.46
CA GLU C 111 3.79 -0.45 -51.66
C GLU C 111 2.42 -0.94 -52.13
N MET C 112 2.25 -1.01 -53.46
CA MET C 112 1.02 -1.53 -54.03
C MET C 112 0.93 -3.05 -53.82
N VAL C 113 2.07 -3.74 -53.86
CA VAL C 113 2.12 -5.16 -53.55
C VAL C 113 1.70 -5.41 -52.10
N ASP C 114 2.23 -4.62 -51.18
CA ASP C 114 1.96 -4.80 -49.75
C ASP C 114 0.49 -4.51 -49.41
N ILE C 115 -0.09 -3.52 -50.09
CA ILE C 115 -1.51 -3.21 -49.95
C ILE C 115 -2.39 -4.38 -50.40
N ILE C 116 -2.07 -4.97 -51.55
CA ILE C 116 -2.86 -6.07 -52.08
C ILE C 116 -2.73 -7.30 -51.17
N GLU C 117 -1.51 -7.54 -50.67
CA GLU C 117 -1.25 -8.62 -49.73
C GLU C 117 -1.99 -8.42 -48.40
N THR C 118 -2.04 -7.18 -47.92
CA THR C 118 -2.81 -6.81 -46.74
C THR C 118 -4.31 -7.03 -46.97
N VAL C 119 -4.81 -6.53 -48.11
CA VAL C 119 -6.21 -6.74 -48.49
C VAL C 119 -6.51 -8.24 -48.53
N TYR C 120 -5.60 -9.01 -49.11
CA TYR C 120 -5.76 -10.45 -49.21
C TYR C 120 -5.85 -11.14 -47.84
N ARG C 121 -4.90 -10.83 -46.97
CA ARG C 121 -4.84 -11.44 -45.64
C ARG C 121 -6.03 -11.06 -44.77
N GLY C 122 -6.44 -9.79 -44.86
CA GLY C 122 -7.60 -9.31 -44.14
C GLY C 122 -8.92 -9.90 -44.63
N ALA C 123 -9.08 -9.96 -45.95
CA ALA C 123 -10.28 -10.50 -46.57
C ALA C 123 -10.48 -11.99 -46.32
N ARG C 124 -9.38 -12.74 -46.26
CA ARG C 124 -9.43 -14.18 -45.96
C ARG C 124 -9.70 -14.47 -44.47
N LYS C 125 -9.45 -13.48 -43.62
CA LYS C 125 -9.78 -13.60 -42.20
C LYS C 125 -11.17 -13.02 -41.94
N GLY C 126 -11.88 -12.70 -43.03
CA GLY C 126 -13.27 -12.26 -42.95
C GLY C 126 -13.46 -10.77 -42.76
N ARG C 127 -12.37 -10.03 -42.59
CA ARG C 127 -12.42 -8.58 -42.45
C ARG C 127 -12.90 -7.90 -43.74
N GLY C 128 -13.83 -6.97 -43.60
CA GLY C 128 -14.27 -6.14 -44.71
C GLY C 128 -13.50 -4.84 -44.73
N LEU C 129 -12.70 -4.62 -43.69
CA LEU C 129 -11.86 -3.43 -43.55
C LEU C 129 -10.42 -3.80 -43.17
N VAL C 130 -9.48 -3.08 -43.74
CA VAL C 130 -8.06 -3.31 -43.51
C VAL C 130 -7.34 -1.94 -43.53
N VAL C 131 -6.24 -1.80 -42.78
CA VAL C 131 -5.46 -0.56 -42.78
C VAL C 131 -4.24 -0.71 -43.70
N SER C 132 -4.01 0.28 -44.56
CA SER C 132 -2.82 0.31 -45.40
C SER C 132 -1.58 0.51 -44.53
N PRO C 133 -0.51 -0.22 -44.83
CA PRO C 133 0.74 -0.09 -44.05
C PRO C 133 1.30 1.33 -43.99
N LYS C 134 1.10 2.12 -45.05
CA LYS C 134 1.53 3.52 -45.06
C LYS C 134 0.34 4.47 -44.98
N ASP C 135 0.51 5.55 -44.22
CA ASP C 135 -0.47 6.64 -44.12
C ASP C 135 -0.34 7.57 -45.32
N TYR C 136 -1.39 7.67 -46.12
CA TYR C 136 -1.36 8.53 -47.31
C TYR C 136 -1.85 9.96 -47.04
N SER C 137 -1.87 10.28 -45.75
CA SER C 137 -1.84 11.64 -45.21
C SER C 137 -3.16 11.96 -44.52
N ASP D 25 -2.79 -11.33 39.26
CA ASP D 25 -1.56 -12.09 38.86
C ASP D 25 -0.43 -11.13 38.49
N VAL D 26 0.73 -11.34 39.10
CA VAL D 26 1.86 -10.45 38.88
C VAL D 26 3.08 -11.21 38.35
N MET D 27 3.84 -10.54 37.50
CA MET D 27 5.06 -11.10 36.89
C MET D 27 6.25 -10.13 36.96
N TRP D 28 7.45 -10.68 37.13
CA TRP D 28 8.67 -9.88 37.34
C TRP D 28 9.75 -10.13 36.29
N GLU D 29 10.61 -9.13 36.10
CA GLU D 29 11.89 -9.32 35.42
C GLU D 29 12.96 -8.67 36.29
N TYR D 30 14.21 -9.14 36.17
CA TYR D 30 15.30 -8.57 36.96
C TYR D 30 16.61 -8.53 36.16
N LYS D 31 17.49 -7.62 36.57
CA LYS D 31 18.86 -7.55 36.06
C LYS D 31 19.83 -7.41 37.23
N TRP D 32 21.05 -7.89 37.03
CA TRP D 32 22.05 -7.90 38.10
C TRP D 32 22.59 -6.52 38.46
N GLU D 33 22.80 -5.68 37.44
CA GLU D 33 23.21 -4.29 37.64
C GLU D 33 22.07 -3.35 37.26
N ASN D 34 22.01 -2.18 37.90
CA ASN D 34 21.00 -1.16 37.57
C ASN D 34 21.43 -0.25 36.41
N THR D 35 21.76 -0.87 35.26
CA THR D 35 22.25 -0.14 34.08
C THR D 35 21.39 -0.44 32.85
N GLY D 36 21.54 0.38 31.81
CA GLY D 36 20.79 0.19 30.58
C GLY D 36 21.27 -0.98 29.74
N ASP D 37 22.44 -1.51 30.06
CA ASP D 37 23.10 -2.55 29.25
C ASP D 37 22.91 -3.97 29.79
N ALA D 38 22.76 -4.11 31.11
CA ALA D 38 22.61 -5.41 31.75
C ALA D 38 21.50 -6.26 31.12
N GLU D 39 21.73 -7.56 30.99
CA GLU D 39 20.70 -8.48 30.51
C GLU D 39 19.52 -8.58 31.47
N LEU D 40 18.32 -8.54 30.91
CA LEU D 40 17.11 -8.71 31.69
C LEU D 40 16.64 -10.14 31.56
N TYR D 41 16.07 -10.68 32.63
CA TYR D 41 15.73 -12.10 32.64
C TYR D 41 14.23 -12.40 32.65
N GLY D 42 13.80 -13.15 31.62
CA GLY D 42 12.41 -13.51 31.29
C GLY D 42 11.35 -13.32 32.36
N PRO D 43 10.09 -13.65 32.05
CA PRO D 43 9.00 -13.41 33.01
C PRO D 43 9.03 -14.41 34.18
N PHE D 44 9.02 -13.91 35.41
CA PHE D 44 8.95 -14.77 36.59
C PHE D 44 7.76 -14.50 37.51
N THR D 45 7.20 -15.57 38.06
CA THR D 45 6.17 -15.45 39.09
C THR D 45 6.75 -14.91 40.41
N SER D 46 5.88 -14.38 41.25
CA SER D 46 6.27 -13.88 42.57
C SER D 46 6.83 -15.00 43.43
N ALA D 47 6.18 -16.17 43.39
CA ALA D 47 6.64 -17.35 44.11
C ALA D 47 8.06 -17.76 43.67
N GLN D 48 8.31 -17.69 42.36
CA GLN D 48 9.64 -17.98 41.82
C GLN D 48 10.70 -17.05 42.40
N MET D 49 10.41 -15.74 42.42
CA MET D 49 11.31 -14.75 42.99
C MET D 49 11.53 -14.96 44.47
N GLN D 50 10.45 -15.29 45.18
CA GLN D 50 10.52 -15.55 46.63
C GLN D 50 11.40 -16.75 46.94
N THR D 51 11.26 -17.81 46.16
CA THR D 51 12.07 -19.02 46.34
C THR D 51 13.55 -18.68 46.14
N TRP D 52 13.86 -17.93 45.08
CA TRP D 52 15.23 -17.53 44.81
C TRP D 52 15.80 -16.63 45.90
N VAL D 53 14.98 -15.74 46.45
CA VAL D 53 15.40 -14.89 47.57
C VAL D 53 15.79 -15.77 48.77
N SER D 54 14.88 -16.66 49.16
CA SER D 54 15.05 -17.48 50.37
C SER D 54 16.15 -18.52 50.23
N GLU D 55 16.55 -18.79 48.98
CA GLU D 55 17.61 -19.76 48.70
C GLU D 55 19.01 -19.13 48.55
N GLY D 56 19.08 -17.82 48.79
CA GLY D 56 20.35 -17.10 48.77
C GLY D 56 20.88 -16.70 47.39
N TYR D 57 20.06 -16.81 46.35
CA TYR D 57 20.50 -16.48 44.98
C TYR D 57 20.61 -14.98 44.68
N PHE D 58 19.95 -14.14 45.48
CA PHE D 58 20.12 -12.69 45.36
C PHE D 58 20.70 -12.08 46.63
N PRO D 59 21.94 -12.46 47.00
CA PRO D 59 22.52 -12.08 48.30
C PRO D 59 22.73 -10.57 48.45
N ASP D 60 22.84 -9.84 47.34
CA ASP D 60 22.92 -8.37 47.36
C ASP D 60 21.67 -7.76 46.73
N GLY D 61 20.68 -8.61 46.47
CA GLY D 61 19.50 -8.21 45.74
C GLY D 61 19.72 -8.12 44.24
N VAL D 62 18.61 -7.97 43.52
CA VAL D 62 18.63 -7.71 42.08
C VAL D 62 17.67 -6.59 41.77
N TYR D 63 17.85 -5.97 40.62
CA TYR D 63 17.02 -4.85 40.23
C TYR D 63 15.85 -5.38 39.42
N CYS D 64 14.69 -5.31 40.05
CA CYS D 64 13.48 -5.96 39.56
C CYS D 64 12.34 -4.96 39.39
N ARG D 65 11.39 -5.33 38.53
CA ARG D 65 10.14 -4.57 38.38
C ARG D 65 9.03 -5.50 37.91
N LYS D 66 7.79 -5.10 38.18
CA LYS D 66 6.62 -5.76 37.63
C LYS D 66 6.58 -5.57 36.12
N LEU D 67 5.97 -6.51 35.41
CA LEU D 67 5.93 -6.47 33.95
C LEU D 67 4.71 -5.73 33.41
N ASP D 68 3.78 -5.42 34.32
CA ASP D 68 2.57 -4.66 34.01
C ASP D 68 2.37 -3.62 35.11
N PRO D 69 2.22 -2.36 34.75
CA PRO D 69 2.28 -1.88 33.36
C PRO D 69 3.73 -1.63 32.87
N PRO D 70 3.90 -1.34 31.57
CA PRO D 70 5.22 -1.19 30.95
C PRO D 70 6.16 -0.15 31.59
N GLY D 71 5.61 0.89 32.20
CA GLY D 71 6.40 1.94 32.84
C GLY D 71 7.71 1.46 33.44
N GLY D 72 7.62 0.46 34.32
CA GLY D 72 8.81 -0.10 34.91
C GLY D 72 9.23 0.57 36.19
N GLN D 73 10.41 1.19 36.16
CA GLN D 73 11.07 1.65 37.40
C GLN D 73 11.59 0.46 38.21
N PHE D 74 12.91 0.34 38.22
CA PHE D 74 13.60 -0.79 38.84
C PHE D 74 13.92 -0.54 40.30
N TYR D 75 13.62 -1.55 41.12
CA TYR D 75 13.87 -1.48 42.55
C TYR D 75 14.79 -2.61 42.98
N ASN D 76 15.63 -2.34 43.98
CA ASN D 76 16.42 -3.38 44.61
C ASN D 76 15.49 -4.37 45.28
N SER D 77 15.61 -5.64 44.90
CA SER D 77 14.71 -6.68 45.38
C SER D 77 14.77 -6.86 46.90
N LYS D 78 15.86 -6.39 47.52
CA LYS D 78 16.01 -6.46 48.97
C LYS D 78 14.92 -5.66 49.70
N ARG D 79 14.35 -4.68 49.01
CA ARG D 79 13.26 -3.86 49.54
C ARG D 79 11.87 -4.35 49.08
N ILE D 80 11.85 -5.38 48.24
CA ILE D 80 10.60 -5.95 47.74
C ILE D 80 10.21 -7.22 48.51
N ASP D 81 8.98 -7.25 48.99
CA ASP D 81 8.44 -8.38 49.71
C ASP D 81 7.59 -9.15 48.72
N PHE D 82 8.20 -10.16 48.10
CA PHE D 82 7.54 -10.94 47.06
C PHE D 82 6.29 -11.66 47.56
N ASP D 83 6.28 -11.97 48.85
CA ASP D 83 5.15 -12.61 49.53
C ASP D 83 3.87 -11.76 49.50
N LEU D 84 4.01 -10.45 49.27
CA LEU D 84 2.87 -9.54 49.17
C LEU D 84 2.06 -9.72 47.88
N TYR D 85 2.67 -10.37 46.90
CA TYR D 85 2.06 -10.50 45.58
C TYR D 85 1.61 -11.94 45.29
N THR D 86 1.49 -12.74 46.34
CA THR D 86 1.03 -14.12 46.20
C THR D 86 -0.40 -14.27 46.72
N ASP E 25 -7.97 -11.63 14.76
CA ASP E 25 -7.28 -11.62 16.09
C ASP E 25 -5.77 -11.58 15.92
N VAL E 26 -5.15 -10.51 16.41
CA VAL E 26 -3.71 -10.29 16.25
C VAL E 26 -2.98 -10.16 17.59
N MET E 27 -1.70 -10.50 17.62
CA MET E 27 -0.86 -10.41 18.83
C MET E 27 0.40 -9.56 18.62
N TRP E 28 0.75 -8.75 19.63
CA TRP E 28 1.89 -7.83 19.55
C TRP E 28 3.02 -8.11 20.54
N GLU E 29 4.21 -7.60 20.21
CA GLU E 29 5.33 -7.53 21.14
C GLU E 29 6.10 -6.24 20.88
N TYR E 30 6.87 -5.78 21.86
CA TYR E 30 7.57 -4.51 21.74
C TYR E 30 8.90 -4.44 22.46
N LYS E 31 9.74 -3.48 22.05
CA LYS E 31 10.99 -3.15 22.71
C LYS E 31 11.01 -1.65 22.87
N TRP E 32 11.76 -1.15 23.86
CA TRP E 32 11.90 0.29 24.07
C TRP E 32 12.93 0.90 23.12
N GLU E 33 13.83 0.07 22.60
CA GLU E 33 14.85 0.53 21.65
C GLU E 33 14.87 -0.38 20.44
N ASN E 34 15.18 0.19 19.27
CA ASN E 34 15.20 -0.58 18.02
C ASN E 34 16.54 -1.26 17.77
N THR E 35 16.94 -2.13 18.70
CA THR E 35 18.24 -2.80 18.63
C THR E 35 18.10 -4.31 18.75
N GLY E 36 19.14 -5.04 18.39
CA GLY E 36 19.14 -6.49 18.51
C GLY E 36 19.22 -6.99 19.95
N ASP E 37 19.68 -6.12 20.85
CA ASP E 37 19.90 -6.48 22.25
C ASP E 37 18.69 -6.21 23.17
N ALA E 38 17.87 -5.24 22.81
CA ALA E 38 16.72 -4.83 23.65
C ALA E 38 15.76 -5.96 23.99
N GLU E 39 15.30 -5.98 25.24
CA GLU E 39 14.34 -6.98 25.72
C GLU E 39 12.99 -6.88 25.04
N LEU E 40 12.47 -8.03 24.64
CA LEU E 40 11.19 -8.11 23.97
C LEU E 40 10.13 -8.44 24.98
N TYR E 41 8.98 -7.77 24.89
CA TYR E 41 7.92 -8.00 25.86
C TYR E 41 6.72 -8.78 25.32
N GLY E 42 6.52 -9.95 25.93
CA GLY E 42 5.65 -11.03 25.46
C GLY E 42 4.31 -10.69 24.85
N PRO E 43 3.52 -11.71 24.47
CA PRO E 43 2.32 -11.48 23.66
C PRO E 43 1.34 -10.49 24.28
N PHE E 44 1.00 -9.44 23.55
CA PHE E 44 -0.05 -8.50 23.98
C PHE E 44 -1.13 -8.36 22.92
N THR E 45 -2.39 -8.30 23.36
CA THR E 45 -3.51 -8.04 22.46
C THR E 45 -3.48 -6.58 21.98
N SER E 46 -4.11 -6.32 20.84
CA SER E 46 -4.19 -4.98 20.27
C SER E 46 -4.83 -3.98 21.22
N ALA E 47 -5.89 -4.41 21.90
CA ALA E 47 -6.61 -3.59 22.89
C ALA E 47 -5.71 -3.23 24.07
N GLN E 48 -4.89 -4.18 24.51
CA GLN E 48 -3.91 -3.92 25.56
C GLN E 48 -2.90 -2.84 25.14
N MET E 49 -2.34 -2.98 23.95
CA MET E 49 -1.44 -1.97 23.40
C MET E 49 -2.14 -0.61 23.28
N GLN E 50 -3.39 -0.64 22.81
CA GLN E 50 -4.21 0.56 22.70
C GLN E 50 -4.45 1.23 24.05
N THR E 51 -4.77 0.41 25.05
CA THR E 51 -4.93 0.89 26.43
C THR E 51 -3.65 1.56 26.93
N TRP E 52 -2.50 0.95 26.64
CA TRP E 52 -1.21 1.49 27.05
C TRP E 52 -0.80 2.75 26.30
N VAL E 53 -1.22 2.84 25.03
CA VAL E 53 -0.98 4.03 24.22
C VAL E 53 -1.79 5.19 24.78
N SER E 54 -3.08 4.92 25.01
CA SER E 54 -4.03 5.95 25.43
C SER E 54 -3.85 6.37 26.89
N GLU E 55 -2.93 5.71 27.59
CA GLU E 55 -2.61 6.04 28.98
C GLU E 55 -1.27 6.77 29.13
N GLY E 56 -0.53 6.88 28.02
CA GLY E 56 0.72 7.62 27.99
C GLY E 56 1.96 6.82 28.37
N TYR E 57 1.84 5.49 28.42
CA TYR E 57 2.98 4.62 28.73
C TYR E 57 4.03 4.58 27.62
N PHE E 58 3.64 4.99 26.41
CA PHE E 58 4.55 5.03 25.27
C PHE E 58 4.66 6.45 24.68
N PRO E 59 5.16 7.42 25.45
CA PRO E 59 5.18 8.82 25.00
C PRO E 59 6.11 9.07 23.80
N ASP E 60 7.10 8.20 23.62
CA ASP E 60 8.02 8.27 22.49
C ASP E 60 7.73 7.16 21.48
N GLY E 61 6.69 6.37 21.77
CA GLY E 61 6.37 5.20 20.98
C GLY E 61 7.30 4.05 21.29
N VAL E 62 6.85 2.83 21.00
CA VAL E 62 7.68 1.66 21.17
C VAL E 62 7.82 0.91 19.86
N TYR E 63 8.87 0.11 19.75
CA TYR E 63 9.12 -0.62 18.53
C TYR E 63 8.41 -1.96 18.61
N CYS E 64 7.42 -2.13 17.74
CA CYS E 64 6.49 -3.25 17.86
C CYS E 64 6.25 -3.96 16.53
N ARG E 65 5.72 -5.18 16.64
CA ARG E 65 5.32 -5.97 15.49
C ARG E 65 4.24 -6.97 15.90
N LYS E 66 3.43 -7.39 14.92
CA LYS E 66 2.54 -8.52 15.12
C LYS E 66 3.40 -9.78 15.31
N LEU E 67 2.84 -10.77 16.01
CA LEU E 67 3.52 -12.05 16.23
C LEU E 67 3.46 -13.01 15.04
N ASP E 68 2.47 -12.82 14.15
CA ASP E 68 2.29 -13.69 12.99
C ASP E 68 2.24 -12.88 11.69
N PRO E 69 3.04 -13.24 10.69
CA PRO E 69 4.02 -14.33 10.76
C PRO E 69 5.30 -13.93 11.55
N PRO E 70 6.16 -14.91 11.85
CA PRO E 70 7.38 -14.64 12.64
C PRO E 70 8.41 -13.72 11.98
N GLY E 71 8.34 -13.51 10.66
CA GLY E 71 9.25 -12.61 9.96
C GLY E 71 9.62 -11.33 10.71
N GLY E 72 8.64 -10.71 11.35
CA GLY E 72 8.88 -9.58 12.20
C GLY E 72 8.92 -8.25 11.49
N GLN E 73 9.98 -7.47 11.76
CA GLN E 73 10.11 -6.09 11.27
C GLN E 73 9.40 -5.12 12.20
N PHE E 74 10.19 -4.35 12.95
CA PHE E 74 9.66 -3.47 13.98
C PHE E 74 9.34 -2.10 13.44
N TYR E 75 8.22 -1.56 13.93
CA TYR E 75 7.79 -0.23 13.58
C TYR E 75 7.55 0.56 14.84
N ASN E 76 7.72 1.87 14.77
CA ASN E 76 7.35 2.76 15.86
C ASN E 76 5.84 2.76 16.07
N SER E 77 5.40 2.43 17.28
CA SER E 77 3.98 2.31 17.61
C SER E 77 3.17 3.59 17.42
N LYS E 78 3.88 4.72 17.32
CA LYS E 78 3.25 6.01 17.10
C LYS E 78 2.58 6.08 15.72
N ARG E 79 3.06 5.26 14.79
CA ARG E 79 2.55 5.21 13.42
C ARG E 79 1.55 4.10 13.22
N ILE E 80 1.27 3.35 14.29
CA ILE E 80 0.40 2.20 14.21
C ILE E 80 -0.92 2.47 14.92
N ASP E 81 -2.01 2.21 14.24
CA ASP E 81 -3.32 2.42 14.83
C ASP E 81 -3.82 1.08 15.34
N PHE E 82 -3.63 0.84 16.63
CA PHE E 82 -4.05 -0.42 17.27
C PHE E 82 -5.57 -0.65 17.23
N ASP E 83 -6.33 0.42 17.00
CA ASP E 83 -7.79 0.34 16.83
C ASP E 83 -8.18 -0.33 15.52
N LEU E 84 -7.29 -0.27 14.53
CA LEU E 84 -7.52 -0.92 13.24
C LEU E 84 -7.48 -2.44 13.32
N TYR E 85 -7.05 -2.96 14.46
CA TYR E 85 -6.87 -4.40 14.64
C TYR E 85 -7.90 -5.00 15.59
N THR E 86 -8.68 -4.14 16.24
CA THR E 86 -9.72 -4.57 17.17
C THR E 86 -11.03 -4.87 16.43
N ASP F 25 4.33 -18.61 -43.50
CA ASP F 25 4.88 -18.08 -42.21
C ASP F 25 5.76 -16.87 -42.44
N VAL F 26 5.57 -15.85 -41.61
CA VAL F 26 6.22 -14.56 -41.78
C VAL F 26 7.09 -14.18 -40.58
N MET F 27 8.24 -13.57 -40.88
CA MET F 27 9.18 -13.08 -39.88
C MET F 27 9.33 -11.56 -39.99
N TRP F 28 9.67 -10.90 -38.88
CA TRP F 28 9.78 -9.44 -38.85
C TRP F 28 11.13 -8.97 -38.31
N GLU F 29 11.50 -7.76 -38.70
CA GLU F 29 12.60 -7.04 -38.07
C GLU F 29 12.13 -5.60 -37.88
N TYR F 30 12.72 -4.88 -36.93
CA TYR F 30 12.32 -3.49 -36.70
C TYR F 30 13.48 -2.61 -36.22
N LYS F 31 13.37 -1.30 -36.48
CA LYS F 31 14.26 -0.30 -35.89
C LYS F 31 13.42 0.70 -35.12
N TRP F 32 14.06 1.38 -34.16
CA TRP F 32 13.40 2.39 -33.34
C TRP F 32 13.27 3.74 -34.05
N GLU F 33 14.24 4.03 -34.93
CA GLU F 33 14.19 5.25 -35.72
C GLU F 33 14.18 4.87 -37.19
N ASN F 34 13.38 5.57 -37.99
CA ASN F 34 13.33 5.33 -39.42
C ASN F 34 14.53 5.98 -40.12
N THR F 35 15.72 5.50 -39.79
CA THR F 35 16.97 5.99 -40.40
C THR F 35 17.79 4.80 -40.93
N GLY F 36 18.82 5.11 -41.72
CA GLY F 36 19.76 4.10 -42.16
C GLY F 36 20.78 3.73 -41.09
N ASP F 37 20.81 4.49 -39.99
CA ASP F 37 21.79 4.26 -38.92
C ASP F 37 21.23 3.54 -37.70
N ALA F 38 19.92 3.33 -37.68
CA ALA F 38 19.28 2.63 -36.57
C ALA F 38 19.49 1.12 -36.67
N GLU F 39 19.82 0.51 -35.54
CA GLU F 39 20.07 -0.92 -35.47
C GLU F 39 18.78 -1.70 -35.75
N LEU F 40 18.88 -2.75 -36.56
CA LEU F 40 17.76 -3.64 -36.82
C LEU F 40 17.70 -4.81 -35.85
N TYR F 41 16.53 -5.08 -35.30
CA TYR F 41 16.43 -6.14 -34.29
C TYR F 41 15.90 -7.46 -34.83
N GLY F 42 16.68 -8.51 -34.56
CA GLY F 42 16.71 -9.78 -35.28
C GLY F 42 15.38 -10.42 -35.58
N PRO F 43 15.40 -11.57 -36.26
CA PRO F 43 14.15 -12.21 -36.69
C PRO F 43 13.18 -12.42 -35.52
N PHE F 44 11.97 -11.89 -35.67
CA PHE F 44 10.92 -12.08 -34.68
C PHE F 44 9.65 -12.55 -35.39
N THR F 45 8.95 -13.50 -34.79
CA THR F 45 7.68 -13.99 -35.32
C THR F 45 6.61 -12.90 -35.21
N SER F 46 5.52 -13.08 -35.95
CA SER F 46 4.35 -12.22 -35.88
C SER F 46 3.76 -12.22 -34.47
N ALA F 47 3.75 -13.41 -33.84
CA ALA F 47 3.26 -13.60 -32.49
C ALA F 47 4.05 -12.81 -31.44
N GLN F 48 5.37 -12.79 -31.58
CA GLN F 48 6.23 -12.00 -30.68
C GLN F 48 5.99 -10.50 -30.84
N MET F 49 5.84 -10.07 -32.09
CA MET F 49 5.58 -8.66 -32.40
C MET F 49 4.23 -8.22 -31.84
N GLN F 50 3.22 -9.08 -32.02
CA GLN F 50 1.89 -8.84 -31.45
C GLN F 50 1.92 -8.76 -29.92
N THR F 51 2.67 -9.66 -29.28
CA THR F 51 2.83 -9.62 -27.83
C THR F 51 3.39 -8.29 -27.34
N TRP F 52 4.51 -7.87 -27.94
CA TRP F 52 5.18 -6.63 -27.55
C TRP F 52 4.32 -5.40 -27.85
N VAL F 53 3.57 -5.46 -28.95
CA VAL F 53 2.61 -4.41 -29.27
C VAL F 53 1.58 -4.27 -28.14
N SER F 54 0.94 -5.38 -27.75
CA SER F 54 -0.17 -5.32 -26.81
C SER F 54 0.28 -5.20 -25.35
N GLU F 55 1.52 -5.61 -25.07
CA GLU F 55 2.15 -5.35 -23.78
C GLU F 55 2.72 -3.92 -23.69
N GLY F 56 2.64 -3.17 -24.79
CA GLY F 56 2.91 -1.74 -24.80
C GLY F 56 4.35 -1.31 -25.05
N TYR F 57 5.14 -2.18 -25.66
CA TYR F 57 6.57 -1.93 -25.89
C TYR F 57 6.86 -0.95 -27.03
N PHE F 58 5.85 -0.69 -27.86
CA PHE F 58 6.01 0.17 -29.02
C PHE F 58 5.04 1.36 -29.01
N PRO F 59 5.13 2.23 -28.00
CA PRO F 59 4.13 3.29 -27.80
C PRO F 59 4.06 4.31 -28.94
N ASP F 60 5.16 4.51 -29.66
CA ASP F 60 5.16 5.37 -30.84
C ASP F 60 5.28 4.55 -32.13
N GLY F 61 5.23 3.23 -31.98
CA GLY F 61 5.47 2.31 -33.06
C GLY F 61 6.96 2.09 -33.28
N VAL F 62 7.29 1.00 -33.96
CA VAL F 62 8.63 0.81 -34.49
C VAL F 62 8.52 0.67 -36.00
N TYR F 63 9.63 0.87 -36.69
CA TYR F 63 9.64 0.76 -38.13
C TYR F 63 10.05 -0.67 -38.46
N CYS F 64 9.12 -1.40 -39.04
CA CYS F 64 9.29 -2.82 -39.23
C CYS F 64 8.98 -3.24 -40.64
N ARG F 65 9.44 -4.44 -41.00
CA ARG F 65 9.12 -5.02 -42.30
C ARG F 65 9.22 -6.52 -42.20
N LYS F 66 8.44 -7.21 -43.04
CA LYS F 66 8.59 -8.64 -43.25
C LYS F 66 9.97 -8.90 -43.84
N LEU F 67 10.55 -10.06 -43.54
CA LEU F 67 11.90 -10.39 -43.98
C LEU F 67 11.98 -11.06 -45.35
N ASP F 68 10.82 -11.44 -45.88
CA ASP F 68 10.72 -12.04 -47.21
C ASP F 68 9.59 -11.37 -47.98
N PRO F 69 9.84 -10.92 -49.21
CA PRO F 69 11.16 -10.96 -49.85
C PRO F 69 12.16 -9.94 -49.28
N PRO F 70 13.43 -10.00 -49.72
CA PRO F 70 14.49 -9.08 -49.24
C PRO F 70 14.25 -7.57 -49.38
N GLY F 71 13.42 -7.18 -50.34
CA GLY F 71 13.16 -5.77 -50.63
C GLY F 71 12.98 -4.82 -49.45
N GLY F 72 12.32 -5.30 -48.39
CA GLY F 72 12.06 -4.46 -47.25
C GLY F 72 10.99 -3.43 -47.50
N GLN F 73 11.32 -2.16 -47.23
CA GLN F 73 10.33 -1.08 -47.10
C GLN F 73 9.72 -1.09 -45.69
N PHE F 74 10.10 -0.10 -44.91
CA PHE F 74 9.68 0.00 -43.52
C PHE F 74 8.38 0.77 -43.37
N TYR F 75 7.54 0.29 -42.46
CA TYR F 75 6.28 0.93 -42.10
C TYR F 75 6.19 1.05 -40.57
N ASN F 76 5.46 2.05 -40.10
CA ASN F 76 5.21 2.16 -38.67
C ASN F 76 4.32 1.00 -38.23
N SER F 77 4.74 0.30 -37.18
CA SER F 77 4.02 -0.86 -36.65
C SER F 77 2.61 -0.51 -36.20
N LYS F 78 2.40 0.76 -35.84
CA LYS F 78 1.08 1.30 -35.52
C LYS F 78 0.03 1.00 -36.60
N ARG F 79 0.49 0.84 -37.84
CA ARG F 79 -0.39 0.62 -38.98
C ARG F 79 -0.43 -0.84 -39.41
N ILE F 80 0.33 -1.68 -38.73
CA ILE F 80 0.36 -3.10 -39.06
C ILE F 80 -0.40 -3.93 -38.05
N ASP F 81 -1.32 -4.74 -38.56
CA ASP F 81 -2.08 -5.71 -37.79
C ASP F 81 -1.30 -7.01 -37.81
N PHE F 82 -0.46 -7.22 -36.79
CA PHE F 82 0.41 -8.39 -36.74
C PHE F 82 -0.38 -9.71 -36.66
N ASP F 83 -1.63 -9.61 -36.23
CA ASP F 83 -2.53 -10.75 -36.17
C ASP F 83 -3.01 -11.24 -37.53
N LEU F 84 -2.90 -10.39 -38.55
CA LEU F 84 -3.19 -10.79 -39.92
C LEU F 84 -2.20 -11.81 -40.46
N TYR F 85 -1.08 -11.98 -39.75
CA TYR F 85 0.01 -12.84 -40.21
C TYR F 85 0.21 -14.08 -39.33
N THR F 86 -0.67 -14.27 -38.35
CA THR F 86 -0.68 -15.49 -37.53
C THR F 86 -1.64 -16.52 -38.12
#